data_3N5A
#
_entry.id   3N5A
#
_cell.length_a   35.598
_cell.length_b   44.892
_cell.length_c   87.383
_cell.angle_alpha   90.000
_cell.angle_beta   90.000
_cell.angle_gamma   90.000
#
_symmetry.space_group_name_H-M   'P 21 21 21'
#
loop_
_entity.id
_entity.type
_entity.pdbx_description
1 polymer Synaptotagmin-7
2 non-polymer 'CALCIUM ION'
3 water water
#
_entity_poly.entity_id   1
_entity_poly.type   'polypeptide(L)'
_entity_poly.pdbx_seq_one_letter_code
;SRGELLLSLCYNPSANSIIVNIIKARNLKAMDIGGTSDPYVKVWLMYKDKRVEKKKTVTKKRNLNPIFNESFAFDIPTEK
LRETTIIITVMDKDKLSRNDVIGKIYLSWKSGPGEVKHWKDMIARPRQPVAQWHQLKA
;
_entity_poly.pdbx_strand_id   A
#
loop_
_chem_comp.id
_chem_comp.type
_chem_comp.name
_chem_comp.formula
CA non-polymer 'CALCIUM ION' 'Ca 2'
#
# COMPACT_ATOMS: atom_id res chain seq x y z
N SER A 1 -17.84 3.89 -1.02
CA SER A 1 -17.07 3.15 -0.03
C SER A 1 -16.50 1.84 -0.60
N ARG A 2 -15.22 1.88 -0.95
CA ARG A 2 -14.55 0.87 -1.77
C ARG A 2 -13.88 -0.24 -0.94
N GLY A 3 -13.85 -0.08 0.38
CA GLY A 3 -13.13 -1.00 1.26
C GLY A 3 -12.03 -0.29 2.01
N GLU A 4 -11.41 -1.03 2.92
CA GLU A 4 -10.27 -0.52 3.67
C GLU A 4 -9.11 -1.53 3.62
N LEU A 5 -7.88 -1.03 3.70
CA LEU A 5 -6.68 -1.87 3.68
C LEU A 5 -5.85 -1.56 4.93
N LEU A 6 -5.43 -2.61 5.61
CA LEU A 6 -4.54 -2.54 6.76
C LEU A 6 -3.12 -2.85 6.29
N LEU A 7 -2.21 -1.92 6.52
CA LEU A 7 -0.82 -2.06 6.12
C LEU A 7 0.09 -1.45 7.16
N SER A 8 1.31 -1.96 7.24
CA SER A 8 2.29 -1.36 8.13
C SER A 8 3.47 -0.84 7.35
N LEU A 9 4.12 0.16 7.91
CA LEU A 9 5.32 0.77 7.34
C LEU A 9 6.39 0.72 8.42
N CYS A 10 7.61 0.39 8.05
CA CYS A 10 8.73 0.39 9.00
C CYS A 10 9.94 0.95 8.27
N TYR A 11 10.38 2.10 8.74
N TYR A 11 10.35 2.17 8.60
CA TYR A 11 11.48 2.86 8.14
CA TYR A 11 11.51 2.77 7.91
C TYR A 11 12.74 2.70 8.97
C TYR A 11 12.71 2.82 8.83
N ASN A 12 13.83 2.27 8.35
CA ASN A 12 15.11 2.24 9.06
C ASN A 12 16.09 3.17 8.36
N PRO A 13 16.30 4.37 8.92
CA PRO A 13 17.16 5.33 8.24
C PRO A 13 18.62 4.84 8.12
N SER A 14 19.08 4.06 9.10
CA SER A 14 20.45 3.60 9.04
C SER A 14 20.70 2.69 7.83
N ALA A 15 19.69 1.88 7.50
CA ALA A 15 19.77 0.91 6.40
C ALA A 15 19.16 1.42 5.12
N ASN A 16 18.64 2.64 5.15
CA ASN A 16 17.99 3.23 3.99
C ASN A 16 16.93 2.29 3.41
N SER A 17 16.05 1.81 4.28
CA SER A 17 15.06 0.84 3.85
C SER A 17 13.72 1.07 4.47
N ILE A 18 12.71 0.70 3.71
N ILE A 18 12.67 0.91 3.67
CA ILE A 18 11.37 0.62 4.22
CA ILE A 18 11.30 0.93 4.19
C ILE A 18 10.85 -0.78 3.99
C ILE A 18 10.65 -0.41 3.88
N ILE A 19 10.10 -1.26 4.96
N ILE A 19 10.12 -1.06 4.91
CA ILE A 19 9.33 -2.48 4.78
CA ILE A 19 9.35 -2.29 4.76
C ILE A 19 7.86 -2.09 4.82
C ILE A 19 7.86 -1.96 4.76
N VAL A 20 7.16 -2.44 3.75
CA VAL A 20 5.71 -2.25 3.62
C VAL A 20 5.08 -3.62 3.77
N ASN A 21 4.26 -3.80 4.81
CA ASN A 21 3.52 -5.06 4.97
C ASN A 21 2.08 -4.85 4.60
N ILE A 22 1.62 -5.57 3.59
CA ILE A 22 0.21 -5.53 3.21
C ILE A 22 -0.46 -6.61 4.04
N ILE A 23 -1.24 -6.22 5.03
CA ILE A 23 -1.73 -7.17 6.03
C ILE A 23 -3.03 -7.81 5.60
N LYS A 24 -4.10 -7.01 5.45
CA LYS A 24 -5.42 -7.56 5.09
C LYS A 24 -6.34 -6.45 4.66
N ALA A 25 -7.43 -6.79 3.98
CA ALA A 25 -8.42 -5.77 3.64
C ALA A 25 -9.78 -6.19 4.17
N ARG A 26 -10.69 -5.22 4.25
CA ARG A 26 -12.07 -5.49 4.66
C ARG A 26 -13.05 -4.73 3.80
N ASN A 27 -14.20 -5.36 3.59
CA ASN A 27 -15.33 -4.72 2.95
C ASN A 27 -15.00 -4.19 1.55
N LEU A 28 -14.20 -4.95 0.81
CA LEU A 28 -13.86 -4.54 -0.55
C LEU A 28 -15.10 -4.46 -1.46
N LYS A 29 -15.08 -3.53 -2.37
CA LYS A 29 -16.10 -3.48 -3.40
C LYS A 29 -16.02 -4.72 -4.27
N ALA A 30 -17.21 -5.24 -4.63
CA ALA A 30 -17.36 -6.34 -5.58
C ALA A 30 -17.31 -5.79 -6.99
N MET A 31 -16.33 -6.26 -7.75
N MET A 31 -16.37 -6.24 -7.78
CA MET A 31 -16.03 -5.79 -9.12
CA MET A 31 -16.22 -5.73 -9.12
C MET A 31 -16.24 -6.90 -10.14
C MET A 31 -16.37 -6.82 -10.16
N ASP A 32 -16.93 -7.96 -9.73
CA ASP A 32 -17.39 -9.03 -10.65
C ASP A 32 -18.89 -9.22 -10.41
N ILE A 33 -19.62 -9.63 -11.46
CA ILE A 33 -21.09 -9.63 -11.41
C ILE A 33 -21.71 -10.50 -10.31
N GLY A 34 -21.07 -11.60 -9.97
CA GLY A 34 -21.62 -12.43 -8.92
C GLY A 34 -21.41 -11.95 -7.50
N GLY A 35 -20.97 -10.72 -7.29
CA GLY A 35 -20.84 -10.21 -5.94
C GLY A 35 -19.52 -10.47 -5.24
N THR A 36 -18.47 -10.68 -6.01
CA THR A 36 -17.15 -10.86 -5.43
C THR A 36 -16.11 -10.07 -6.24
N SER A 37 -14.87 -10.15 -5.77
CA SER A 37 -13.68 -9.65 -6.46
C SER A 37 -12.56 -10.65 -6.26
N ASP A 38 -11.49 -10.55 -7.03
CA ASP A 38 -10.32 -11.40 -6.89
C ASP A 38 -9.13 -10.50 -6.61
N PRO A 39 -8.98 -10.08 -5.34
CA PRO A 39 -8.07 -8.97 -5.08
C PRO A 39 -6.58 -9.36 -5.02
N TYR A 40 -5.77 -8.46 -5.54
CA TYR A 40 -4.33 -8.42 -5.26
C TYR A 40 -3.97 -6.96 -5.03
N VAL A 41 -2.82 -6.75 -4.41
CA VAL A 41 -2.39 -5.41 -4.07
C VAL A 41 -1.03 -5.13 -4.68
N LYS A 42 -0.94 -4.01 -5.40
CA LYS A 42 0.35 -3.57 -5.94
C LYS A 42 0.85 -2.39 -5.16
N VAL A 43 2.17 -2.35 -5.03
CA VAL A 43 2.85 -1.33 -4.26
C VAL A 43 3.91 -0.72 -5.16
N TRP A 44 3.75 0.57 -5.49
N TRP A 44 3.74 0.57 -5.45
CA TRP A 44 4.69 1.29 -6.34
CA TRP A 44 4.67 1.31 -6.28
C TRP A 44 5.46 2.33 -5.52
C TRP A 44 5.47 2.30 -5.43
N LEU A 45 6.78 2.25 -5.57
CA LEU A 45 7.64 3.26 -5.00
C LEU A 45 7.88 4.30 -6.08
N MET A 46 7.60 5.56 -5.76
CA MET A 46 7.84 6.71 -6.63
C MET A 46 8.92 7.59 -6.05
N TYR A 47 9.69 8.21 -6.94
CA TYR A 47 10.60 9.29 -6.56
C TYR A 47 10.23 10.43 -7.49
N LYS A 48 9.84 11.57 -6.91
CA LYS A 48 9.24 12.65 -7.67
C LYS A 48 8.12 12.03 -8.53
N ASP A 49 8.08 12.32 -9.82
CA ASP A 49 7.06 11.73 -10.69
C ASP A 49 7.51 10.42 -11.36
N LYS A 50 8.65 9.89 -10.94
N LYS A 50 8.63 9.87 -10.92
CA LYS A 50 9.22 8.68 -11.54
CA LYS A 50 9.21 8.68 -11.55
C LYS A 50 8.80 7.41 -10.80
C LYS A 50 8.86 7.39 -10.80
N ARG A 51 8.50 6.35 -11.53
CA ARG A 51 8.37 5.03 -10.94
C ARG A 51 9.75 4.45 -10.71
N VAL A 52 9.94 3.92 -9.53
CA VAL A 52 11.23 3.33 -9.14
C VAL A 52 11.11 1.81 -9.13
N GLU A 53 10.10 1.31 -8.45
CA GLU A 53 9.99 -0.13 -8.24
C GLU A 53 8.56 -0.51 -7.94
N LYS A 54 8.19 -1.70 -8.37
CA LYS A 54 6.85 -2.23 -8.15
C LYS A 54 6.91 -3.60 -7.54
N LYS A 55 6.03 -3.86 -6.56
CA LYS A 55 5.88 -5.19 -6.02
C LYS A 55 4.40 -5.51 -5.90
N LYS A 56 4.03 -6.78 -5.83
CA LYS A 56 2.62 -7.09 -5.69
C LYS A 56 2.43 -8.38 -4.94
N THR A 57 1.27 -8.47 -4.29
CA THR A 57 0.87 -9.67 -3.60
C THR A 57 0.34 -10.73 -4.54
N VAL A 58 0.08 -11.90 -3.98
CA VAL A 58 -0.71 -12.90 -4.67
C VAL A 58 -2.15 -12.41 -4.85
N THR A 59 -2.89 -13.11 -5.69
CA THR A 59 -4.31 -12.88 -5.86
C THR A 59 -5.11 -13.84 -5.00
N LYS A 60 -6.10 -13.32 -4.27
CA LYS A 60 -7.05 -14.14 -3.53
C LYS A 60 -8.32 -14.25 -4.37
N LYS A 61 -8.80 -15.45 -4.59
CA LYS A 61 -9.99 -15.61 -5.41
C LYS A 61 -11.28 -15.42 -4.62
N ARG A 62 -12.22 -14.68 -5.23
CA ARG A 62 -13.59 -14.51 -4.75
C ARG A 62 -13.59 -14.16 -3.26
N ASN A 63 -12.96 -13.05 -2.92
CA ASN A 63 -12.75 -12.70 -1.51
C ASN A 63 -12.81 -11.18 -1.33
N LEU A 64 -13.79 -10.72 -0.56
CA LEU A 64 -13.93 -9.29 -0.28
C LEU A 64 -13.25 -8.90 1.04
N ASN A 65 -12.66 -9.86 1.75
CA ASN A 65 -11.98 -9.62 3.03
C ASN A 65 -10.67 -10.40 3.06
N PRO A 66 -9.82 -10.19 2.06
CA PRO A 66 -8.62 -11.00 1.98
C PRO A 66 -7.59 -10.73 3.07
N ILE A 67 -6.88 -11.78 3.45
CA ILE A 67 -5.76 -11.67 4.37
C ILE A 67 -4.50 -12.05 3.60
N PHE A 68 -3.57 -11.12 3.49
CA PHE A 68 -2.33 -11.31 2.72
C PHE A 68 -1.12 -11.58 3.65
N ASN A 69 -0.77 -10.63 4.49
N ASN A 69 -0.80 -10.61 4.49
CA ASN A 69 0.42 -10.74 5.35
CA ASN A 69 0.39 -10.63 5.34
C ASN A 69 1.71 -10.85 4.54
C ASN A 69 1.67 -10.86 4.54
N GLU A 70 1.80 -10.09 3.46
CA GLU A 70 2.99 -10.11 2.61
C GLU A 70 3.84 -8.87 2.85
N SER A 71 5.14 -9.08 2.90
CA SER A 71 6.08 -8.04 3.31
C SER A 71 7.01 -7.72 2.14
N PHE A 72 7.18 -6.44 1.87
CA PHE A 72 7.98 -5.95 0.73
C PHE A 72 9.01 -4.95 1.19
N ALA A 73 10.27 -5.16 0.82
CA ALA A 73 11.33 -4.22 1.21
C ALA A 73 11.72 -3.33 0.03
N PHE A 74 11.96 -2.05 0.31
CA PHE A 74 12.38 -1.11 -0.70
C PHE A 74 13.59 -0.35 -0.20
N ASP A 75 14.54 -0.10 -1.09
CA ASP A 75 15.64 0.81 -0.79
C ASP A 75 15.16 2.24 -0.95
N ILE A 76 15.30 3.05 0.13
CA ILE A 76 14.96 4.46 0.10
C ILE A 76 16.00 5.22 0.89
N PRO A 77 16.94 5.87 0.19
CA PRO A 77 17.90 6.72 0.91
C PRO A 77 17.18 7.79 1.70
N THR A 78 17.69 8.11 2.89
CA THR A 78 17.07 9.13 3.72
C THR A 78 16.94 10.45 2.95
N GLU A 79 17.93 10.71 2.08
CA GLU A 79 17.99 11.95 1.31
C GLU A 79 16.87 12.06 0.26
N LYS A 80 16.18 10.96 0.00
CA LYS A 80 15.09 10.93 -0.98
C LYS A 80 13.71 10.84 -0.34
N LEU A 81 13.63 10.86 0.98
CA LEU A 81 12.32 10.78 1.66
C LEU A 81 11.32 11.86 1.26
N ARG A 82 11.73 13.13 1.19
CA ARG A 82 10.80 14.23 0.89
C ARG A 82 10.20 14.16 -0.50
N GLU A 83 10.82 13.36 -1.35
N GLU A 83 10.80 13.38 -1.39
CA GLU A 83 10.40 13.23 -2.73
CA GLU A 83 10.27 13.28 -2.73
C GLU A 83 9.75 11.88 -2.97
C GLU A 83 9.68 11.89 -2.98
N THR A 84 9.54 11.10 -1.91
CA THR A 84 9.00 9.74 -2.01
C THR A 84 7.50 9.68 -1.88
N THR A 85 6.87 8.90 -2.73
CA THR A 85 5.46 8.55 -2.54
C THR A 85 5.37 7.04 -2.66
N ILE A 86 4.57 6.39 -1.81
CA ILE A 86 4.29 4.97 -2.01
C ILE A 86 2.83 4.91 -2.40
N ILE A 87 2.56 4.35 -3.59
CA ILE A 87 1.19 4.28 -4.09
C ILE A 87 0.76 2.81 -3.99
N ILE A 88 -0.32 2.55 -3.26
CA ILE A 88 -0.80 1.20 -3.03
C ILE A 88 -2.17 1.08 -3.69
N THR A 89 -2.30 0.13 -4.61
CA THR A 89 -3.53 -0.04 -5.37
C THR A 89 -4.04 -1.45 -5.18
N VAL A 90 -5.29 -1.56 -4.72
CA VAL A 90 -5.98 -2.83 -4.66
C VAL A 90 -6.73 -3.02 -5.97
N MET A 91 -6.45 -4.15 -6.60
CA MET A 91 -6.94 -4.53 -7.92
C MET A 91 -7.82 -5.75 -7.82
N ASP A 92 -8.68 -5.93 -8.82
CA ASP A 92 -9.49 -7.12 -9.01
C ASP A 92 -9.04 -7.83 -10.29
N LYS A 93 -8.41 -8.99 -10.17
CA LYS A 93 -7.96 -9.73 -11.34
C LYS A 93 -9.15 -10.26 -12.13
N ASP A 94 -9.14 -10.07 -13.44
CA ASP A 94 -10.18 -10.57 -14.33
C ASP A 94 -9.53 -11.39 -15.43
N LYS A 95 -10.20 -12.47 -15.81
CA LYS A 95 -9.71 -13.35 -16.86
C LYS A 95 -10.01 -12.86 -18.26
N LEU A 96 -11.17 -12.22 -18.45
CA LEU A 96 -11.68 -11.92 -19.79
C LEU A 96 -11.72 -10.43 -20.10
N SER A 97 -11.12 -9.60 -19.25
CA SER A 97 -11.03 -8.16 -19.47
C SER A 97 -9.84 -7.62 -18.65
N ARG A 98 -9.52 -6.36 -18.87
N ARG A 98 -9.54 -6.35 -18.85
CA ARG A 98 -8.54 -5.67 -18.04
CA ARG A 98 -8.51 -5.67 -18.08
C ARG A 98 -8.92 -5.79 -16.58
C ARG A 98 -8.87 -5.60 -16.60
N ASN A 99 -7.92 -5.92 -15.73
CA ASN A 99 -8.17 -5.97 -14.29
C ASN A 99 -8.80 -4.65 -13.84
N ASP A 100 -9.71 -4.74 -12.86
CA ASP A 100 -10.41 -3.57 -12.35
C ASP A 100 -9.69 -2.96 -11.15
N VAL A 101 -9.74 -1.65 -11.02
CA VAL A 101 -9.20 -0.97 -9.85
C VAL A 101 -10.25 -0.91 -8.76
N ILE A 102 -9.98 -1.49 -7.60
CA ILE A 102 -10.86 -1.34 -6.45
C ILE A 102 -10.60 0.01 -5.78
N GLY A 103 -9.35 0.33 -5.46
CA GLY A 103 -9.04 1.65 -4.94
C GLY A 103 -7.59 1.79 -4.55
N LYS A 104 -7.20 3.01 -4.18
CA LYS A 104 -5.81 3.38 -3.98
C LYS A 104 -5.60 4.17 -2.71
N ILE A 105 -4.35 4.14 -2.24
CA ILE A 105 -3.86 4.90 -1.10
C ILE A 105 -2.52 5.50 -1.51
N TYR A 106 -2.32 6.79 -1.23
CA TYR A 106 -1.07 7.49 -1.55
C TYR A 106 -0.40 7.88 -0.24
N LEU A 107 0.79 7.39 -0.01
CA LEU A 107 1.54 7.61 1.25
C LEU A 107 2.72 8.53 0.99
N SER A 108 2.67 9.71 1.61
CA SER A 108 3.72 10.74 1.52
C SER A 108 3.37 11.84 2.51
N TRP A 109 4.18 12.91 2.56
CA TRP A 109 3.81 14.07 3.38
C TRP A 109 2.77 14.97 2.75
N LYS A 110 2.44 14.69 1.49
CA LYS A 110 1.51 15.50 0.73
C LYS A 110 0.37 14.68 0.20
N SER A 111 -0.33 14.03 1.11
CA SER A 111 -1.49 13.26 0.77
C SER A 111 -2.66 13.62 1.69
N GLY A 112 -3.59 12.71 1.91
CA GLY A 112 -4.75 12.99 2.76
C GLY A 112 -4.34 12.91 4.23
N PRO A 113 -5.23 13.33 5.13
CA PRO A 113 -4.80 13.46 6.53
C PRO A 113 -4.38 12.15 7.18
N GLY A 114 -5.12 11.07 7.00
CA GLY A 114 -4.75 9.79 7.59
C GLY A 114 -3.45 9.28 7.02
N GLU A 115 -3.28 9.46 5.71
CA GLU A 115 -2.06 9.02 5.03
C GLU A 115 -0.83 9.78 5.52
N VAL A 116 -0.96 11.09 5.65
CA VAL A 116 0.13 11.91 6.13
C VAL A 116 0.45 11.58 7.58
N LYS A 117 -0.58 11.34 8.40
CA LYS A 117 -0.33 10.94 9.78
C LYS A 117 0.47 9.63 9.87
N HIS A 118 0.13 8.66 9.02
CA HIS A 118 0.78 7.37 9.05
C HIS A 118 2.23 7.56 8.61
N TRP A 119 2.43 8.34 7.55
CA TRP A 119 3.79 8.61 7.05
C TRP A 119 4.66 9.29 8.10
N LYS A 120 4.12 10.31 8.75
CA LYS A 120 4.87 11.03 9.77
C LYS A 120 5.16 10.14 10.99
N ASP A 121 4.23 9.27 11.33
N ASP A 121 4.24 9.24 11.32
CA ASP A 121 4.42 8.36 12.45
CA ASP A 121 4.44 8.38 12.47
C ASP A 121 5.56 7.40 12.14
C ASP A 121 5.55 7.36 12.16
N MET A 122 5.60 6.89 10.92
CA MET A 122 6.69 6.03 10.49
C MET A 122 8.05 6.72 10.64
N ILE A 123 8.13 7.95 10.18
CA ILE A 123 9.34 8.78 10.29
CA ILE A 123 9.38 8.69 10.28
C ILE A 123 9.76 9.01 11.73
N ALA A 124 8.78 9.28 12.58
CA ALA A 124 9.04 9.60 13.99
C ALA A 124 9.44 8.38 14.81
N ARG A 125 9.16 7.18 14.29
CA ARG A 125 9.37 5.93 15.03
C ARG A 125 10.29 4.99 14.21
N PRO A 126 11.55 5.39 14.02
CA PRO A 126 12.45 4.56 13.21
C PRO A 126 12.58 3.14 13.74
N ARG A 127 12.56 2.19 12.83
CA ARG A 127 12.69 0.76 13.09
C ARG A 127 11.48 0.13 13.79
N GLN A 128 10.42 0.92 14.01
N GLN A 128 10.41 0.90 13.99
CA GLN A 128 9.16 0.41 14.55
CA GLN A 128 9.18 0.37 14.61
C GLN A 128 8.17 0.25 13.42
C GLN A 128 8.05 0.30 13.58
N PRO A 129 7.54 -0.92 13.30
CA PRO A 129 6.45 -1.02 12.34
C PRO A 129 5.23 -0.27 12.88
N VAL A 130 4.63 0.51 12.02
CA VAL A 130 3.44 1.28 12.34
CA VAL A 130 3.42 1.20 12.39
C VAL A 130 2.34 0.81 11.40
N ALA A 131 1.25 0.29 11.95
CA ALA A 131 0.14 -0.25 11.14
C ALA A 131 -1.09 0.60 11.26
N GLN A 132 -1.77 0.86 10.15
N GLN A 132 -1.80 0.78 10.15
CA GLN A 132 -3.05 1.56 10.16
CA GLN A 132 -3.00 1.62 10.10
C GLN A 132 -3.92 1.05 9.03
C GLN A 132 -3.92 1.18 8.96
N TRP A 133 -5.23 1.19 9.23
CA TRP A 133 -6.26 0.98 8.25
C TRP A 133 -6.45 2.28 7.48
N HIS A 134 -6.56 2.16 6.15
CA HIS A 134 -6.88 3.27 5.25
C HIS A 134 -8.06 2.95 4.35
N GLN A 135 -8.92 3.93 4.12
CA GLN A 135 -9.99 3.82 3.14
C GLN A 135 -9.42 3.85 1.75
N LEU A 136 -9.85 2.90 0.91
CA LEU A 136 -9.46 2.89 -0.47
C LEU A 136 -10.29 3.90 -1.26
N LYS A 137 -9.62 4.68 -2.11
CA LYS A 137 -10.33 5.69 -2.89
C LYS A 137 -10.13 5.44 -4.36
N ALA A 138 -11.21 5.63 -5.12
CA ALA A 138 -11.16 5.35 -6.55
C ALA A 138 -10.21 6.34 -7.22
CA CA B . -12.36 -10.67 -11.05
CA CA C . -13.95 -7.53 -12.46
CA CA D . -12.40 -5.84 -15.94
CA CA E . -6.84 -9.31 -17.02
#